data_3GWU
#
_entry.id   3GWU
#
_cell.length_a   88.338
_cell.length_b   86.850
_cell.length_c   81.308
_cell.angle_alpha   90.000
_cell.angle_beta   95.650
_cell.angle_gamma   90.000
#
_symmetry.space_group_name_H-M   'C 1 2 1'
#
loop_
_entity.id
_entity.type
_entity.pdbx_description
1 polymer Transporter
2 non-polymer LEUCINE
3 non-polymer 'SODIUM ION'
4 non-polymer (1S,4S)-4-(3,4-dichlorophenyl)-N-methyl-1,2,3,4-tetrahydronaphthalen-1-amine
5 water water
#
_entity_poly.entity_id   1
_entity_poly.type   'polypeptide(L)'
_entity_poly.pdbx_seq_one_letter_code
;MEVKREHWATRLGLILAMAGNAVGLGNFLRFPVQAAENGGGAFMIPYIIAFLLVGIPLMWIEWAMGRYGGAQGHGTTPAI
FYLLWRNRFAKILGVFGLWIPLVVAIYYVYIESWTLGFAIKFLVGLVPEPPPNATDPDSILRPFKEFLYSYIGVPKGDEP
ILKPSLFAYIVFLITMFINVSILIRGISKGIERFAKIAMPTLFILAVFLVIRVFLLETPNGTAADGLNFLWTPDFEKLKD
PGVWIAAVGQIFFTLSLGFGAIITYASYVRKDQDIVLSGLTAATLNEKAEVILGGSISIPAAVAFFGVANAVAIAKAGAF
NLGFITLPAIFSQTAGGTFLGFLWFFLLFFAGLTSSIAIMQPMIAFLEDELKLSRKHAVLWTAAIVFFSAHLVMFLNKSL
DEMDFWAGTIGVVFFGLTELIIFFWIFGADKAWEEINRGGIIKVPRIYYYVMRYITPAFLAVLLVVWAREYIPKIMEETH
WTVWITRFYIIGLFLFLTFLVFLAERRRNHESAGT
;
_entity_poly.pdbx_strand_id   A
#
loop_
_chem_comp.id
_chem_comp.type
_chem_comp.name
_chem_comp.formula
NA non-polymer 'SODIUM ION' 'Na 1'
SRE non-polymer (1S,4S)-4-(3,4-dichlorophenyl)-N-methyl-1,2,3,4-tetrahydronaphthalen-1-amine 'C17 H17 Cl2 N'
#
# COMPACT_ATOMS: atom_id res chain seq x y z
N ARG A 5 6.01 19.80 -18.35
CA ARG A 5 5.76 18.68 -17.40
C ARG A 5 5.74 17.32 -18.11
N GLU A 6 6.29 16.30 -17.46
CA GLU A 6 6.18 14.91 -17.88
C GLU A 6 4.70 14.50 -17.96
N HIS A 7 4.39 13.66 -18.94
CA HIS A 7 3.04 13.12 -19.09
C HIS A 7 3.09 11.63 -19.43
N TRP A 8 2.03 10.92 -19.08
CA TRP A 8 1.86 9.53 -19.47
C TRP A 8 1.74 9.47 -21.00
N ALA A 9 2.50 8.57 -21.62
CA ALA A 9 2.54 8.46 -23.08
C ALA A 9 1.22 7.92 -23.64
N THR A 10 0.79 6.77 -23.12
CA THR A 10 -0.41 6.11 -23.63
C THR A 10 -1.49 5.94 -22.55
N ARG A 11 -2.71 5.73 -23.00
CA ARG A 11 -3.86 5.49 -22.13
C ARG A 11 -3.70 4.19 -21.34
N LEU A 12 -3.32 3.12 -22.05
CA LEU A 12 -3.08 1.82 -21.44
C LEU A 12 -1.93 1.87 -20.43
N GLY A 13 -0.86 2.58 -20.80
CA GLY A 13 0.29 2.77 -19.93
C GLY A 13 -0.07 3.46 -18.64
N LEU A 14 -0.93 4.47 -18.73
CA LEU A 14 -1.47 5.18 -17.58
C LEU A 14 -2.26 4.25 -16.66
N ILE A 15 -3.18 3.48 -17.26
CA ILE A 15 -4.04 2.55 -16.52
C ILE A 15 -3.23 1.48 -15.80
N LEU A 16 -2.26 0.90 -16.50
CA LEU A 16 -1.42 -0.15 -15.93
C LEU A 16 -0.46 0.37 -14.85
N ALA A 17 -0.01 1.62 -15.00
CA ALA A 17 0.85 2.27 -14.00
C ALA A 17 0.08 2.54 -12.72
N MET A 18 -1.14 3.06 -12.88
CA MET A 18 -2.06 3.29 -11.76
C MET A 18 -2.51 1.98 -11.11
N ALA A 19 -2.75 0.96 -11.92
CA ALA A 19 -3.07 -0.38 -11.42
C ALA A 19 -1.90 -0.96 -10.65
N GLY A 20 -0.69 -0.69 -11.13
CA GLY A 20 0.53 -1.10 -10.45
C GLY A 20 0.75 -0.34 -9.16
N ASN A 21 0.34 0.93 -9.14
CA ASN A 21 0.31 1.73 -7.92
C ASN A 21 -0.53 1.02 -6.87
N ALA A 22 -1.75 0.65 -7.26
CA ALA A 22 -2.69 0.00 -6.36
C ALA A 22 -2.35 -1.46 -6.06
N VAL A 23 -2.14 -2.28 -7.09
CA VAL A 23 -1.93 -3.73 -6.91
C VAL A 23 -0.55 -4.03 -6.34
N GLY A 24 -0.51 -4.36 -5.05
CA GLY A 24 0.77 -4.57 -4.37
C GLY A 24 0.73 -5.63 -3.30
N LEU A 25 1.61 -5.49 -2.31
CA LEU A 25 1.67 -6.37 -1.16
C LEU A 25 0.34 -6.39 -0.41
N GLY A 26 -0.41 -5.30 -0.49
CA GLY A 26 -1.73 -5.20 0.15
C GLY A 26 -2.73 -6.23 -0.35
N ASN A 27 -2.67 -6.54 -1.64
CA ASN A 27 -3.57 -7.49 -2.27
C ASN A 27 -3.30 -8.93 -1.85
N PHE A 28 -2.01 -9.27 -1.75
CA PHE A 28 -1.58 -10.65 -1.61
C PHE A 28 -1.17 -11.03 -0.18
N LEU A 29 -0.73 -10.04 0.60
CA LEU A 29 -0.32 -10.28 1.99
C LEU A 29 -1.29 -9.70 3.01
N ARG A 30 -1.65 -8.43 2.85
CA ARG A 30 -2.46 -7.73 3.83
C ARG A 30 -3.91 -8.19 3.81
N PHE A 31 -4.51 -8.24 2.61
CA PHE A 31 -5.90 -8.62 2.46
C PHE A 31 -6.28 -9.98 3.08
N PRO A 32 -5.50 -11.05 2.78
CA PRO A 32 -5.86 -12.36 3.34
C PRO A 32 -5.79 -12.42 4.88
N VAL A 33 -4.84 -11.72 5.48
CA VAL A 33 -4.73 -11.68 6.94
C VAL A 33 -5.90 -10.90 7.53
N GLN A 34 -6.15 -9.71 6.98
CA GLN A 34 -7.26 -8.85 7.42
C GLN A 34 -8.61 -9.56 7.30
N ALA A 35 -8.85 -10.20 6.17
CA ALA A 35 -10.08 -10.95 5.95
C ALA A 35 -10.23 -12.13 6.92
N ALA A 36 -9.17 -12.93 7.07
CA ALA A 36 -9.21 -14.11 7.93
C ALA A 36 -9.34 -13.79 9.42
N GLU A 37 -8.71 -12.69 9.84
CA GLU A 37 -8.83 -12.18 11.22
C GLU A 37 -10.25 -11.75 11.56
N ASN A 38 -11.02 -11.38 10.54
CA ASN A 38 -12.32 -10.74 10.74
C ASN A 38 -13.52 -11.52 10.21
N GLY A 39 -13.38 -12.86 10.19
CA GLY A 39 -14.50 -13.75 9.89
C GLY A 39 -14.67 -14.15 8.44
N GLY A 40 -13.66 -13.85 7.62
CA GLY A 40 -13.73 -14.17 6.19
C GLY A 40 -14.85 -13.41 5.50
N GLY A 41 -15.97 -14.09 5.29
CA GLY A 41 -17.15 -13.50 4.64
C GLY A 41 -17.79 -12.36 5.41
N ALA A 42 -17.62 -12.37 6.73
CA ALA A 42 -18.11 -11.29 7.60
C ALA A 42 -17.37 -9.98 7.36
N PHE A 43 -16.12 -10.08 6.93
CA PHE A 43 -15.29 -8.93 6.58
C PHE A 43 -15.69 -8.35 5.23
N MET A 44 -16.22 -9.20 4.36
CA MET A 44 -16.46 -8.84 2.97
C MET A 44 -17.63 -7.89 2.74
N ILE A 45 -18.67 -7.96 3.58
CA ILE A 45 -19.80 -7.04 3.47
C ILE A 45 -19.38 -5.58 3.75
N PRO A 46 -18.77 -5.30 4.93
CA PRO A 46 -18.24 -3.96 5.16
C PRO A 46 -17.17 -3.53 4.17
N TYR A 47 -16.39 -4.49 3.68
CA TYR A 47 -15.36 -4.25 2.66
C TYR A 47 -15.96 -3.72 1.35
N ILE A 48 -17.03 -4.37 0.88
CA ILE A 48 -17.71 -3.96 -0.36
C ILE A 48 -18.37 -2.58 -0.19
N ILE A 49 -19.00 -2.38 0.96
CA ILE A 49 -19.64 -1.10 1.30
C ILE A 49 -18.61 0.03 1.37
N ALA A 50 -17.45 -0.24 1.98
CA ALA A 50 -16.37 0.73 2.06
C ALA A 50 -15.82 1.06 0.67
N PHE A 51 -15.73 0.06 -0.20
CA PHE A 51 -15.31 0.29 -1.58
C PHE A 51 -16.26 1.25 -2.30
N LEU A 52 -17.56 1.06 -2.12
CA LEU A 52 -18.58 1.88 -2.78
C LEU A 52 -18.72 3.29 -2.19
N LEU A 53 -18.58 3.41 -0.87
CA LEU A 53 -18.83 4.67 -0.18
C LEU A 53 -17.56 5.49 0.11
N VAL A 54 -16.40 4.83 0.00
CA VAL A 54 -15.13 5.48 0.32
C VAL A 54 -14.12 5.30 -0.82
N GLY A 55 -13.84 4.04 -1.17
CA GLY A 55 -12.82 3.71 -2.17
C GLY A 55 -13.01 4.38 -3.50
N ILE A 56 -14.22 4.22 -4.07
CA ILE A 56 -14.56 4.80 -5.38
C ILE A 56 -14.58 6.34 -5.39
N PRO A 57 -15.38 6.98 -4.51
CA PRO A 57 -15.40 8.46 -4.50
C PRO A 57 -14.03 9.12 -4.27
N LEU A 58 -13.22 8.57 -3.35
CA LEU A 58 -11.90 9.13 -3.08
C LEU A 58 -10.90 8.93 -4.20
N MET A 59 -11.01 7.80 -4.91
CA MET A 59 -10.20 7.56 -6.11
C MET A 59 -10.43 8.66 -7.15
N TRP A 60 -11.70 8.97 -7.40
CA TRP A 60 -12.05 10.03 -8.34
C TRP A 60 -11.55 11.39 -7.86
N ILE A 61 -11.76 11.69 -6.59
CA ILE A 61 -11.32 12.94 -5.97
C ILE A 61 -9.80 13.13 -6.10
N GLU A 62 -9.02 12.08 -5.82
CA GLU A 62 -7.56 12.17 -5.90
C GLU A 62 -7.00 12.32 -7.32
N TRP A 63 -7.56 11.57 -8.27
CA TRP A 63 -7.24 11.78 -9.69
C TRP A 63 -7.50 13.23 -10.09
N ALA A 64 -8.67 13.75 -9.69
CA ALA A 64 -9.08 15.11 -10.03
C ALA A 64 -8.16 16.17 -9.45
N MET A 65 -7.80 16.01 -8.18
CA MET A 65 -6.87 16.93 -7.54
C MET A 65 -5.50 16.89 -8.20
N GLY A 66 -5.06 15.69 -8.56
CA GLY A 66 -3.76 15.51 -9.22
C GLY A 66 -3.68 16.18 -10.58
N ARG A 67 -4.67 15.89 -11.43
CA ARG A 67 -4.75 16.48 -12.76
C ARG A 67 -4.80 18.02 -12.69
N TYR A 68 -5.65 18.53 -11.80
CA TYR A 68 -5.77 19.98 -11.54
C TYR A 68 -4.43 20.60 -11.17
N GLY A 69 -3.75 19.99 -10.20
CA GLY A 69 -2.44 20.48 -9.76
C GLY A 69 -1.39 20.41 -10.85
N GLY A 70 -1.35 19.29 -11.56
CA GLY A 70 -0.37 19.06 -12.63
C GLY A 70 -0.48 20.05 -13.78
N ALA A 71 -1.70 20.53 -14.05
CA ALA A 71 -1.94 21.54 -15.07
C ALA A 71 -1.23 22.85 -14.73
N GLN A 72 -1.04 23.09 -13.44
CA GLN A 72 -0.38 24.29 -12.94
C GLN A 72 1.05 24.01 -12.49
N GLY A 73 1.56 22.82 -12.81
CA GLY A 73 2.94 22.44 -12.52
C GLY A 73 3.20 21.95 -11.10
N HIS A 74 2.17 21.43 -10.45
CA HIS A 74 2.27 20.94 -9.07
C HIS A 74 1.66 19.55 -8.90
N GLY A 75 2.46 18.59 -8.44
CA GLY A 75 1.99 17.21 -8.27
C GLY A 75 1.80 16.71 -6.85
N THR A 76 2.16 17.54 -5.87
CA THR A 76 2.07 17.14 -4.47
C THR A 76 1.18 18.07 -3.64
N THR A 77 0.68 17.55 -2.52
CA THR A 77 -0.37 18.22 -1.74
C THR A 77 -0.01 19.54 -1.03
N PRO A 78 1.27 19.76 -0.65
CA PRO A 78 1.54 21.09 -0.07
C PRO A 78 1.11 22.21 -1.01
N ALA A 79 1.50 22.11 -2.27
CA ALA A 79 1.11 23.09 -3.29
C ALA A 79 -0.36 22.96 -3.69
N ILE A 80 -0.81 21.73 -3.93
CA ILE A 80 -2.19 21.49 -4.40
C ILE A 80 -3.26 21.91 -3.40
N PHE A 81 -3.05 21.60 -2.11
CA PHE A 81 -3.96 22.03 -1.05
C PHE A 81 -4.07 23.56 -1.01
N TYR A 82 -2.95 24.24 -1.29
CA TYR A 82 -2.88 25.69 -1.29
C TYR A 82 -3.62 26.31 -2.48
N LEU A 83 -3.54 25.64 -3.63
CA LEU A 83 -4.26 26.06 -4.82
C LEU A 83 -5.77 25.97 -4.63
N LEU A 84 -6.20 24.96 -3.88
CA LEU A 84 -7.62 24.73 -3.59
C LEU A 84 -8.11 25.57 -2.42
N TRP A 85 -7.21 25.92 -1.51
CA TRP A 85 -7.52 26.72 -0.34
C TRP A 85 -6.32 27.61 0.00
N ARG A 86 -6.45 28.90 -0.30
CA ARG A 86 -5.34 29.86 -0.15
C ARG A 86 -5.11 30.25 1.31
N ASN A 87 -4.59 29.31 2.08
CA ASN A 87 -4.32 29.48 3.49
C ASN A 87 -3.02 28.78 3.86
N ARG A 88 -2.28 29.36 4.81
CA ARG A 88 -1.00 28.80 5.25
C ARG A 88 -1.16 27.39 5.83
N PHE A 89 -2.29 27.17 6.50
CA PHE A 89 -2.59 25.87 7.11
C PHE A 89 -2.82 24.76 6.07
N ALA A 90 -3.19 25.15 4.85
CA ALA A 90 -3.33 24.21 3.74
C ALA A 90 -1.99 23.60 3.35
N LYS A 91 -0.93 24.41 3.39
CA LYS A 91 0.42 23.97 3.07
C LYS A 91 0.93 22.96 4.10
N ILE A 92 0.65 23.24 5.37
CA ILE A 92 1.08 22.38 6.48
C ILE A 92 0.34 21.04 6.46
N LEU A 93 -0.97 21.07 6.26
CA LEU A 93 -1.77 19.86 6.11
C LEU A 93 -1.31 19.05 4.91
N GLY A 94 -0.89 19.76 3.86
CA GLY A 94 -0.37 19.15 2.64
C GLY A 94 0.94 18.39 2.82
N VAL A 95 1.69 18.73 3.87
CA VAL A 95 2.95 18.04 4.20
C VAL A 95 2.71 16.54 4.45
N PHE A 96 1.53 16.20 4.95
CA PHE A 96 1.14 14.80 5.18
C PHE A 96 1.14 13.98 3.88
N GLY A 97 0.94 14.64 2.74
CA GLY A 97 0.97 13.97 1.44
C GLY A 97 2.37 13.75 0.91
N LEU A 98 3.36 14.17 1.71
CA LEU A 98 4.76 13.83 1.46
C LEU A 98 5.24 12.90 2.56
N TRP A 99 4.80 13.18 3.78
CA TRP A 99 5.20 12.43 4.97
C TRP A 99 4.67 10.99 4.97
N ILE A 100 3.37 10.83 4.72
CA ILE A 100 2.74 9.50 4.70
C ILE A 100 3.43 8.53 3.71
N PRO A 101 3.54 8.89 2.42
CA PRO A 101 4.15 7.94 1.48
C PRO A 101 5.63 7.69 1.75
N LEU A 102 6.33 8.69 2.31
CA LEU A 102 7.75 8.56 2.62
C LEU A 102 7.95 7.58 3.77
N VAL A 103 7.17 7.75 4.84
CA VAL A 103 7.21 6.86 5.98
C VAL A 103 6.77 5.45 5.59
N VAL A 104 5.73 5.35 4.76
CA VAL A 104 5.27 4.06 4.26
C VAL A 104 6.36 3.37 3.43
N ALA A 105 7.01 4.14 2.55
CA ALA A 105 8.09 3.62 1.71
C ALA A 105 9.24 3.09 2.55
N ILE A 106 9.49 3.73 3.68
CA ILE A 106 10.59 3.38 4.58
C ILE A 106 10.51 1.94 5.12
N TYR A 107 9.29 1.41 5.29
CA TYR A 107 9.15 0.00 5.65
C TYR A 107 8.66 -0.90 4.52
N TYR A 108 7.88 -0.33 3.60
CA TYR A 108 7.30 -1.09 2.48
C TYR A 108 8.40 -1.62 1.57
N VAL A 109 9.39 -0.79 1.28
CA VAL A 109 10.52 -1.22 0.44
C VAL A 109 11.33 -2.33 1.13
N TYR A 110 11.40 -2.29 2.46
CA TYR A 110 12.07 -3.35 3.22
C TYR A 110 11.30 -4.68 3.10
N ILE A 111 9.98 -4.65 3.31
CA ILE A 111 9.15 -5.85 3.14
C ILE A 111 9.26 -6.37 1.70
N GLU A 112 9.22 -5.46 0.73
CA GLU A 112 9.42 -5.80 -0.68
C GLU A 112 10.77 -6.49 -0.90
N SER A 113 11.80 -6.03 -0.19
CA SER A 113 13.14 -6.63 -0.32
C SER A 113 13.19 -8.07 0.19
N TRP A 114 12.36 -8.41 1.17
CA TRP A 114 12.28 -9.79 1.67
C TRP A 114 11.78 -10.72 0.56
N THR A 115 10.75 -10.29 -0.16
CA THR A 115 10.18 -11.07 -1.26
C THR A 115 11.21 -11.35 -2.35
N LEU A 116 12.06 -10.37 -2.65
CA LEU A 116 13.17 -10.58 -3.59
C LEU A 116 14.22 -11.56 -3.06
N GLY A 117 14.62 -11.39 -1.79
CA GLY A 117 15.58 -12.29 -1.15
C GLY A 117 15.08 -13.73 -1.13
N PHE A 118 13.82 -13.90 -0.73
CA PHE A 118 13.16 -15.20 -0.72
C PHE A 118 13.06 -15.77 -2.13
N ALA A 119 12.71 -14.94 -3.11
CA ALA A 119 12.64 -15.37 -4.51
C ALA A 119 13.97 -15.97 -4.96
N ILE A 120 15.06 -15.24 -4.72
CA ILE A 120 16.41 -15.71 -5.04
C ILE A 120 16.72 -17.05 -4.37
N LYS A 121 16.56 -17.12 -3.05
CA LYS A 121 16.88 -18.34 -2.30
C LYS A 121 16.01 -19.54 -2.72
N PHE A 122 14.73 -19.29 -2.98
CA PHE A 122 13.83 -20.34 -3.45
C PHE A 122 14.15 -20.80 -4.88
N LEU A 123 14.56 -19.86 -5.73
CA LEU A 123 15.02 -20.20 -7.07
C LEU A 123 16.25 -21.11 -7.05
N VAL A 124 17.19 -20.80 -6.16
CA VAL A 124 18.46 -21.50 -6.07
C VAL A 124 18.37 -22.74 -5.16
N GLY A 125 17.20 -22.95 -4.55
CA GLY A 125 16.96 -24.11 -3.71
C GLY A 125 17.62 -24.04 -2.34
N LEU A 126 18.02 -22.84 -1.93
CA LEU A 126 18.64 -22.63 -0.61
C LEU A 126 17.52 -22.42 0.43
N VAL A 127 16.72 -23.46 0.61
CA VAL A 127 15.50 -23.42 1.39
C VAL A 127 15.54 -24.45 2.52
N PRO A 128 14.66 -24.29 3.53
CA PRO A 128 14.63 -25.32 4.57
C PRO A 128 14.09 -26.65 4.06
N GLU A 129 14.66 -27.74 4.57
CA GLU A 129 14.20 -29.07 4.25
C GLU A 129 13.46 -29.66 5.45
N PRO A 130 12.12 -29.76 5.37
CA PRO A 130 11.34 -30.43 6.40
C PRO A 130 11.51 -31.95 6.32
N PRO A 131 11.29 -32.66 7.44
CA PRO A 131 11.37 -34.13 7.44
C PRO A 131 10.38 -34.79 6.47
N PRO A 132 10.79 -35.89 5.81
CA PRO A 132 9.94 -36.58 4.84
C PRO A 132 9.11 -37.69 5.50
N THR A 135 4.89 -35.18 8.05
CA THR A 135 3.59 -35.47 8.65
C THR A 135 3.21 -34.43 9.71
N ASP A 136 4.00 -34.35 10.77
CA ASP A 136 3.78 -33.44 11.89
C ASP A 136 3.84 -31.97 11.43
N PRO A 137 2.72 -31.23 11.56
CA PRO A 137 2.61 -29.83 11.12
C PRO A 137 3.70 -28.92 11.69
N ASP A 138 4.01 -29.07 12.98
CA ASP A 138 5.06 -28.31 13.63
C ASP A 138 6.44 -28.56 13.00
N SER A 139 6.73 -29.82 12.69
CA SER A 139 8.01 -30.20 12.10
C SER A 139 8.19 -29.70 10.66
N ILE A 140 7.09 -29.35 10.01
CA ILE A 140 7.10 -28.78 8.67
C ILE A 140 7.19 -27.25 8.72
N LEU A 141 6.39 -26.64 9.60
CA LEU A 141 6.30 -25.19 9.71
C LEU A 141 7.52 -24.54 10.35
N ARG A 142 8.08 -25.20 11.37
CA ARG A 142 9.22 -24.67 12.15
C ARG A 142 10.44 -24.27 11.31
N PRO A 143 10.91 -25.17 10.41
CA PRO A 143 12.05 -24.81 9.56
C PRO A 143 11.81 -23.54 8.73
N PHE A 144 10.57 -23.32 8.30
CA PHE A 144 10.23 -22.12 7.53
C PHE A 144 10.10 -20.88 8.42
N LYS A 145 9.60 -21.08 9.64
CA LYS A 145 9.56 -20.01 10.63
C LYS A 145 10.98 -19.52 10.95
N GLU A 146 11.89 -20.47 11.19
CA GLU A 146 13.30 -20.20 11.48
C GLU A 146 14.00 -19.52 10.31
N PHE A 147 13.60 -19.91 9.09
CA PHE A 147 14.13 -19.34 7.85
C PHE A 147 13.82 -17.84 7.76
N LEU A 148 12.58 -17.46 8.02
CA LEU A 148 12.19 -16.05 8.05
C LEU A 148 12.84 -15.30 9.21
N TYR A 149 12.84 -15.92 10.38
CA TYR A 149 13.36 -15.32 11.60
C TYR A 149 14.85 -15.03 11.52
N SER A 150 15.61 -15.92 10.89
CA SER A 150 17.04 -15.71 10.64
C SER A 150 17.31 -14.67 9.54
N TYR A 151 16.34 -14.50 8.65
CA TYR A 151 16.47 -13.56 7.55
C TYR A 151 16.33 -12.12 8.04
N ILE A 152 15.25 -11.85 8.79
CA ILE A 152 15.01 -10.51 9.31
C ILE A 152 15.67 -10.26 10.67
N GLY A 153 16.01 -11.35 11.37
CA GLY A 153 16.74 -11.26 12.65
C GLY A 153 15.89 -10.97 13.87
N VAL A 154 14.78 -11.70 14.01
CA VAL A 154 13.87 -11.59 15.16
C VAL A 154 14.64 -11.73 16.49
N PRO A 155 14.32 -10.89 17.50
CA PRO A 155 15.00 -10.97 18.80
C PRO A 155 14.90 -12.36 19.43
N LYS A 156 16.03 -12.84 19.95
CA LYS A 156 16.10 -14.14 20.63
C LYS A 156 16.16 -13.96 22.14
N GLY A 157 16.29 -12.70 22.59
CA GLY A 157 16.33 -12.37 24.00
C GLY A 157 15.32 -11.31 24.40
N ASP A 158 15.73 -10.42 25.31
CA ASP A 158 14.86 -9.39 25.87
C ASP A 158 14.92 -8.07 25.09
N GLU A 159 16.08 -7.81 24.50
CA GLU A 159 16.34 -6.56 23.80
C GLU A 159 15.54 -6.47 22.50
N PRO A 160 14.93 -5.30 22.24
CA PRO A 160 14.09 -5.11 21.05
C PRO A 160 14.94 -4.80 19.82
N ILE A 161 15.92 -5.67 19.57
CA ILE A 161 16.93 -5.46 18.55
C ILE A 161 16.87 -6.52 17.46
N LEU A 162 16.77 -6.07 16.22
CA LEU A 162 16.77 -6.96 15.07
C LEU A 162 18.17 -7.07 14.49
N LYS A 163 18.51 -8.24 13.98
CA LYS A 163 19.80 -8.45 13.33
C LYS A 163 19.63 -9.14 11.98
N PRO A 164 19.33 -8.35 10.93
CA PRO A 164 19.12 -8.93 9.61
C PRO A 164 20.37 -9.63 9.13
N SER A 165 20.20 -10.76 8.44
CA SER A 165 21.32 -11.47 7.84
C SER A 165 22.01 -10.55 6.82
N LEU A 166 23.27 -10.85 6.53
CA LEU A 166 24.04 -10.11 5.54
C LEU A 166 23.35 -10.15 4.18
N PHE A 167 22.83 -11.31 3.80
CA PHE A 167 22.10 -11.46 2.54
C PHE A 167 20.88 -10.55 2.45
N ALA A 168 20.11 -10.48 3.54
CA ALA A 168 18.94 -9.60 3.64
C ALA A 168 19.29 -8.12 3.47
N TYR A 169 20.45 -7.71 3.98
CA TYR A 169 20.88 -6.32 3.92
C TYR A 169 21.32 -5.95 2.51
N ILE A 170 22.11 -6.83 1.88
CA ILE A 170 22.52 -6.65 0.48
C ILE A 170 21.31 -6.64 -0.47
N VAL A 171 20.33 -7.51 -0.20
CA VAL A 171 19.11 -7.57 -1.02
C VAL A 171 18.28 -6.28 -0.90
N PHE A 172 18.26 -5.68 0.29
CA PHE A 172 17.63 -4.37 0.47
C PHE A 172 18.31 -3.32 -0.39
N LEU A 173 19.64 -3.31 -0.39
CA LEU A 173 20.43 -2.44 -1.27
C LEU A 173 20.11 -2.65 -2.76
N ILE A 174 20.03 -3.91 -3.19
CA ILE A 174 19.67 -4.24 -4.57
C ILE A 174 18.24 -3.74 -4.87
N THR A 175 17.34 -3.95 -3.93
CA THR A 175 15.95 -3.52 -4.05
C THR A 175 15.83 -2.00 -4.21
N MET A 176 16.59 -1.26 -3.40
CA MET A 176 16.67 0.20 -3.53
C MET A 176 17.20 0.59 -4.91
N PHE A 177 18.25 -0.10 -5.36
CA PHE A 177 18.83 0.15 -6.68
C PHE A 177 17.80 -0.03 -7.81
N ILE A 178 17.05 -1.13 -7.75
CA ILE A 178 16.04 -1.46 -8.75
C ILE A 178 14.93 -0.41 -8.79
N ASN A 179 14.48 0.03 -7.61
CA ASN A 179 13.50 1.12 -7.52
C ASN A 179 14.05 2.40 -8.17
N VAL A 180 15.31 2.70 -7.90
CA VAL A 180 15.98 3.88 -8.46
C VAL A 180 16.09 3.79 -9.99
N SER A 181 16.49 2.63 -10.49
CA SER A 181 16.68 2.43 -11.94
C SER A 181 15.41 2.68 -12.76
N ILE A 182 14.25 2.38 -12.17
CA ILE A 182 12.96 2.68 -12.80
C ILE A 182 12.62 4.17 -12.67
N LEU A 183 12.69 4.70 -11.44
CA LEU A 183 12.29 6.07 -11.14
C LEU A 183 13.14 7.12 -11.87
N ILE A 184 14.42 6.82 -12.02
CA ILE A 184 15.37 7.75 -12.62
C ILE A 184 15.10 7.99 -14.11
N ARG A 185 14.47 7.01 -14.77
CA ARG A 185 14.11 7.12 -16.18
C ARG A 185 12.80 7.92 -16.38
N GLY A 186 12.11 8.20 -15.28
CA GLY A 186 10.96 9.10 -15.31
C GLY A 186 9.60 8.44 -15.40
N ILE A 187 8.61 9.24 -15.76
CA ILE A 187 7.20 8.82 -15.78
C ILE A 187 6.90 7.87 -16.94
N SER A 188 7.14 8.33 -18.17
CA SER A 188 6.77 7.55 -19.37
C SER A 188 7.76 6.43 -19.67
N LYS A 189 9.05 6.73 -19.64
CA LYS A 189 10.11 5.76 -19.97
C LYS A 189 10.55 4.92 -18.77
N GLY A 190 10.11 5.28 -17.58
CA GLY A 190 10.43 4.53 -16.36
C GLY A 190 9.23 3.78 -15.81
N ILE A 191 8.38 4.51 -15.09
CA ILE A 191 7.21 3.94 -14.42
C ILE A 191 6.22 3.29 -15.42
N GLU A 192 5.90 4.02 -16.48
CA GLU A 192 4.95 3.55 -17.48
C GLU A 192 5.47 2.34 -18.25
N ARG A 193 6.72 2.42 -18.70
CA ARG A 193 7.35 1.32 -19.43
C ARG A 193 7.42 0.04 -18.60
N PHE A 194 7.79 0.18 -17.33
CA PHE A 194 7.87 -0.97 -16.43
C PHE A 194 6.50 -1.58 -16.14
N ALA A 195 5.49 -0.72 -15.91
CA ALA A 195 4.13 -1.19 -15.66
C ALA A 195 3.59 -2.08 -16.79
N LYS A 196 3.97 -1.77 -18.02
CA LYS A 196 3.53 -2.53 -19.20
C LYS A 196 4.09 -3.96 -19.24
N ILE A 197 5.22 -4.16 -18.57
CA ILE A 197 5.85 -5.48 -18.48
C ILE A 197 5.44 -6.18 -17.20
N ALA A 198 5.43 -5.43 -16.09
CA ALA A 198 5.21 -5.99 -14.76
C ALA A 198 3.80 -6.49 -14.53
N MET A 199 2.81 -5.73 -14.98
CA MET A 199 1.40 -6.05 -14.74
C MET A 199 0.89 -7.33 -15.43
N PRO A 200 1.22 -7.53 -16.73
CA PRO A 200 0.90 -8.82 -17.35
C PRO A 200 1.62 -9.99 -16.68
N THR A 201 2.90 -9.81 -16.35
CA THR A 201 3.68 -10.83 -15.63
C THR A 201 3.00 -11.18 -14.30
N LEU A 202 2.66 -10.14 -13.54
CA LEU A 202 1.96 -10.27 -12.26
C LEU A 202 0.65 -11.03 -12.40
N PHE A 203 -0.14 -10.67 -13.41
CA PHE A 203 -1.43 -11.30 -13.67
C PHE A 203 -1.27 -12.80 -13.96
N ILE A 204 -0.35 -13.13 -14.87
CA ILE A 204 -0.10 -14.52 -15.27
C ILE A 204 0.41 -15.37 -14.10
N LEU A 205 1.36 -14.84 -13.33
CA LEU A 205 1.90 -15.54 -12.17
C LEU A 205 0.82 -15.82 -11.13
N ALA A 206 -0.03 -14.83 -10.89
CA ALA A 206 -1.13 -14.95 -9.92
C ALA A 206 -2.17 -15.99 -10.35
N VAL A 207 -2.56 -15.96 -11.62
CA VAL A 207 -3.53 -16.91 -12.14
C VAL A 207 -2.99 -18.35 -12.02
N PHE A 208 -1.74 -18.54 -12.42
CA PHE A 208 -1.06 -19.85 -12.28
C PHE A 208 -1.11 -20.36 -10.85
N LEU A 209 -0.85 -19.47 -9.89
CA LEU A 209 -0.86 -19.84 -8.48
C LEU A 209 -2.26 -20.17 -7.97
N VAL A 210 -3.26 -19.40 -8.41
CA VAL A 210 -4.66 -19.70 -8.09
C VAL A 210 -5.06 -21.10 -8.56
N ILE A 211 -4.69 -21.46 -9.80
CA ILE A 211 -4.99 -22.76 -10.36
C ILE A 211 -4.32 -23.88 -9.55
N ARG A 212 -3.03 -23.73 -9.28
CA ARG A 212 -2.28 -24.72 -8.50
C ARG A 212 -2.89 -24.92 -7.10
N VAL A 213 -3.23 -23.81 -6.44
CA VAL A 213 -3.84 -23.85 -5.11
C VAL A 213 -5.21 -24.53 -5.13
N PHE A 214 -6.00 -24.27 -6.18
CA PHE A 214 -7.32 -24.85 -6.35
C PHE A 214 -7.29 -26.38 -6.48
N LEU A 215 -6.12 -26.92 -6.83
CA LEU A 215 -5.93 -28.36 -6.96
C LEU A 215 -5.55 -29.05 -5.63
N LEU A 216 -5.39 -28.26 -4.57
CA LEU A 216 -4.97 -28.79 -3.28
C LEU A 216 -6.11 -29.47 -2.52
N GLU A 217 -5.85 -30.71 -2.11
CA GLU A 217 -6.78 -31.46 -1.26
C GLU A 217 -6.01 -32.31 -0.25
N THR A 218 -6.41 -32.21 1.02
CA THR A 218 -5.80 -33.00 2.09
C THR A 218 -6.91 -33.65 2.91
N PRO A 219 -6.54 -34.50 3.91
CA PRO A 219 -7.56 -35.02 4.83
C PRO A 219 -8.27 -33.92 5.63
N ASN A 220 -7.70 -32.70 5.62
CA ASN A 220 -8.24 -31.57 6.37
C ASN A 220 -9.17 -30.65 5.59
N GLY A 221 -9.11 -30.73 4.26
CA GLY A 221 -10.03 -29.96 3.43
C GLY A 221 -9.55 -29.67 2.02
N THR A 222 -10.33 -28.87 1.30
CA THR A 222 -10.02 -28.47 -0.07
C THR A 222 -9.87 -26.95 -0.15
N ALA A 223 -9.40 -26.47 -1.29
CA ALA A 223 -9.33 -25.04 -1.58
C ALA A 223 -10.71 -24.39 -1.55
N ALA A 224 -11.72 -25.18 -1.94
CA ALA A 224 -13.12 -24.74 -1.95
C ALA A 224 -13.64 -24.38 -0.56
N ASP A 225 -13.15 -25.09 0.46
CA ASP A 225 -13.48 -24.78 1.86
C ASP A 225 -12.96 -23.39 2.24
N GLY A 226 -11.80 -23.03 1.69
CA GLY A 226 -11.22 -21.70 1.88
C GLY A 226 -12.03 -20.60 1.22
N LEU A 227 -12.49 -20.86 0.00
CA LEU A 227 -13.35 -19.92 -0.73
C LEU A 227 -14.69 -19.73 -0.05
N ASN A 228 -15.28 -20.84 0.41
CA ASN A 228 -16.53 -20.81 1.17
C ASN A 228 -16.40 -19.99 2.45
N PHE A 229 -15.26 -20.15 3.15
CA PHE A 229 -14.97 -19.35 4.34
C PHE A 229 -14.93 -17.85 4.03
N LEU A 230 -14.26 -17.50 2.93
CA LEU A 230 -14.09 -16.09 2.54
C LEU A 230 -15.35 -15.45 1.94
N TRP A 231 -16.21 -16.26 1.34
CA TRP A 231 -17.35 -15.72 0.59
C TRP A 231 -18.74 -16.00 1.19
N THR A 232 -18.77 -16.57 2.40
CA THR A 232 -20.04 -16.81 3.09
C THR A 232 -20.27 -15.72 4.14
N PRO A 233 -21.34 -14.92 3.97
CA PRO A 233 -21.64 -13.79 4.85
C PRO A 233 -22.00 -14.19 6.28
N ASP A 234 -21.58 -13.36 7.23
CA ASP A 234 -22.02 -13.46 8.62
C ASP A 234 -22.59 -12.10 8.99
N PHE A 235 -23.91 -12.03 9.16
CA PHE A 235 -24.60 -10.76 9.38
C PHE A 235 -24.59 -10.31 10.84
N GLU A 236 -24.12 -11.18 11.73
CA GLU A 236 -24.00 -10.87 13.15
C GLU A 236 -22.80 -9.98 13.45
N LYS A 237 -21.81 -10.03 12.55
CA LYS A 237 -20.57 -9.27 12.70
C LYS A 237 -20.69 -7.82 12.19
N LEU A 238 -21.82 -7.51 11.55
CA LEU A 238 -22.09 -6.15 11.04
C LEU A 238 -22.26 -5.12 12.16
N LYS A 239 -22.55 -5.61 13.37
CA LYS A 239 -22.68 -4.76 14.55
C LYS A 239 -21.34 -4.50 15.24
N ASP A 240 -20.31 -5.25 14.84
CA ASP A 240 -18.97 -5.10 15.41
C ASP A 240 -18.21 -4.00 14.65
N PRO A 241 -17.87 -2.90 15.36
CA PRO A 241 -17.15 -1.77 14.75
C PRO A 241 -15.75 -2.13 14.25
N GLY A 242 -15.10 -3.09 14.92
CA GLY A 242 -13.76 -3.54 14.55
C GLY A 242 -13.64 -4.07 13.13
N VAL A 243 -14.65 -4.83 12.70
CA VAL A 243 -14.71 -5.35 11.33
C VAL A 243 -14.81 -4.21 10.32
N TRP A 244 -15.61 -3.20 10.65
CA TRP A 244 -15.78 -1.99 9.82
C TRP A 244 -14.48 -1.19 9.72
N ILE A 245 -13.81 -1.02 10.86
CA ILE A 245 -12.53 -0.32 10.93
C ILE A 245 -11.46 -1.04 10.09
N ALA A 246 -11.41 -2.36 10.21
CA ALA A 246 -10.49 -3.19 9.44
C ALA A 246 -10.76 -3.08 7.93
N ALA A 247 -12.04 -3.19 7.57
CA ALA A 247 -12.47 -3.12 6.16
C ALA A 247 -12.09 -1.81 5.47
N VAL A 248 -12.33 -0.69 6.14
CA VAL A 248 -12.01 0.64 5.61
C VAL A 248 -10.50 0.85 5.52
N GLY A 249 -9.77 0.38 6.53
CA GLY A 249 -8.31 0.46 6.55
C GLY A 249 -7.68 -0.28 5.38
N GLN A 250 -8.23 -1.46 5.08
CA GLN A 250 -7.77 -2.23 3.93
C GLN A 250 -8.10 -1.52 2.62
N ILE A 251 -9.33 -1.01 2.50
CA ILE A 251 -9.76 -0.25 1.32
C ILE A 251 -8.82 0.91 1.00
N PHE A 252 -8.47 1.70 2.02
CA PHE A 252 -7.49 2.79 1.86
C PHE A 252 -6.14 2.28 1.42
N PHE A 253 -5.58 1.34 2.17
CA PHE A 253 -4.27 0.78 1.89
C PHE A 253 -4.21 0.20 0.49
N THR A 254 -5.20 -0.63 0.15
CA THR A 254 -5.17 -1.36 -1.10
C THR A 254 -5.30 -0.49 -2.36
N LEU A 255 -6.08 0.59 -2.26
CA LEU A 255 -6.31 1.47 -3.40
C LEU A 255 -5.31 2.63 -3.44
N SER A 256 -4.36 2.62 -2.51
CA SER A 256 -3.36 3.69 -2.37
C SER A 256 -3.96 5.06 -2.07
N LEU A 257 -5.07 5.09 -1.33
CA LEU A 257 -5.74 6.34 -1.00
C LEU A 257 -5.22 6.93 0.31
N GLY A 258 -5.08 8.25 0.34
CA GLY A 258 -4.55 8.95 1.51
C GLY A 258 -3.04 8.92 1.60
N PHE A 259 -2.38 8.47 0.54
CA PHE A 259 -0.92 8.37 0.49
C PHE A 259 -0.30 9.48 -0.38
N GLY A 260 -1.13 10.35 -0.95
CA GLY A 260 -0.65 11.36 -1.90
C GLY A 260 -0.11 10.77 -3.20
N ALA A 261 -0.23 9.45 -3.35
CA ALA A 261 0.41 8.72 -4.44
C ALA A 261 -0.42 8.71 -5.71
N ILE A 262 -1.73 8.51 -5.56
CA ILE A 262 -2.66 8.62 -6.68
C ILE A 262 -2.66 10.05 -7.20
N ILE A 263 -2.63 11.02 -6.27
CA ILE A 263 -2.59 12.43 -6.62
C ILE A 263 -1.39 12.74 -7.52
N THR A 264 -0.19 12.35 -7.08
CA THR A 264 1.04 12.63 -7.83
C THR A 264 1.07 11.97 -9.21
N TYR A 265 0.65 10.71 -9.29
CA TYR A 265 0.53 10.01 -10.58
C TYR A 265 -0.44 10.73 -11.52
N ALA A 266 -1.58 11.16 -10.98
CA ALA A 266 -2.61 11.86 -11.76
C ALA A 266 -2.16 13.24 -12.25
N SER A 267 -1.14 13.79 -11.60
CA SER A 267 -0.58 15.09 -11.99
C SER A 267 0.20 15.02 -13.30
N TYR A 268 0.42 13.81 -13.81
CA TYR A 268 1.07 13.61 -15.11
C TYR A 268 0.05 13.25 -16.19
N VAL A 269 -1.22 13.20 -15.79
CA VAL A 269 -2.33 13.09 -16.73
C VAL A 269 -2.57 14.47 -17.33
N ARG A 270 -2.70 14.52 -18.65
CA ARG A 270 -2.95 15.80 -19.34
C ARG A 270 -4.28 16.42 -18.92
N LYS A 271 -4.33 17.75 -18.99
CA LYS A 271 -5.45 18.55 -18.51
C LYS A 271 -6.81 18.12 -19.08
N ASP A 272 -6.80 17.67 -20.33
CA ASP A 272 -8.02 17.31 -21.06
C ASP A 272 -8.43 15.86 -20.86
N GLN A 273 -7.47 15.03 -20.46
CA GLN A 273 -7.61 13.58 -20.45
C GLN A 273 -8.57 13.08 -19.36
N ASP A 274 -9.41 12.11 -19.73
CA ASP A 274 -10.39 11.50 -18.82
C ASP A 274 -9.74 10.94 -17.55
N ILE A 275 -10.46 11.06 -16.44
CA ILE A 275 -10.04 10.49 -15.16
C ILE A 275 -11.17 9.68 -14.51
N VAL A 276 -12.40 9.88 -15.00
CA VAL A 276 -13.57 9.16 -14.48
C VAL A 276 -13.49 7.67 -14.80
N LEU A 277 -13.40 7.33 -16.09
CA LEU A 277 -13.31 5.94 -16.53
C LEU A 277 -11.94 5.33 -16.19
N SER A 278 -10.90 6.13 -16.33
CA SER A 278 -9.53 5.73 -16.00
C SER A 278 -9.36 5.41 -14.52
N GLY A 279 -9.94 6.25 -13.67
CA GLY A 279 -9.89 6.06 -12.22
C GLY A 279 -10.68 4.85 -11.77
N LEU A 280 -11.84 4.66 -12.39
CA LEU A 280 -12.71 3.53 -12.07
C LEU A 280 -12.07 2.20 -12.50
N THR A 281 -11.41 2.20 -13.67
CA THR A 281 -10.77 1.00 -14.20
C THR A 281 -9.59 0.56 -13.31
N ALA A 282 -8.74 1.52 -12.93
CA ALA A 282 -7.64 1.25 -12.01
C ALA A 282 -8.14 0.68 -10.68
N ALA A 283 -9.24 1.24 -10.18
CA ALA A 283 -9.84 0.78 -8.93
C ALA A 283 -10.42 -0.63 -9.07
N THR A 284 -11.08 -0.89 -10.20
CA THR A 284 -11.71 -2.19 -10.46
C THR A 284 -10.67 -3.27 -10.72
N LEU A 285 -9.60 -2.93 -11.43
CA LEU A 285 -8.49 -3.85 -11.64
C LEU A 285 -7.84 -4.28 -10.31
N ASN A 286 -7.72 -3.32 -9.39
CA ASN A 286 -7.18 -3.62 -8.06
C ASN A 286 -8.04 -4.58 -7.27
N GLU A 287 -9.34 -4.33 -7.26
CA GLU A 287 -10.29 -5.15 -6.51
C GLU A 287 -10.35 -6.59 -7.00
N LYS A 288 -10.31 -6.77 -8.32
CA LYS A 288 -10.25 -8.10 -8.93
C LYS A 288 -8.97 -8.80 -8.54
N ALA A 289 -7.85 -8.09 -8.61
CA ALA A 289 -6.57 -8.63 -8.18
C ALA A 289 -6.57 -8.94 -6.68
N GLU A 290 -7.35 -8.18 -5.92
CA GLU A 290 -7.45 -8.39 -4.47
C GLU A 290 -8.36 -9.55 -4.07
N VAL A 291 -9.65 -9.46 -4.41
CA VAL A 291 -10.64 -10.43 -3.95
C VAL A 291 -10.56 -11.76 -4.70
N ILE A 292 -10.27 -11.70 -6.00
CA ILE A 292 -10.21 -12.88 -6.85
C ILE A 292 -8.84 -13.54 -6.81
N LEU A 293 -7.78 -12.76 -7.00
CA LEU A 293 -6.44 -13.34 -7.09
C LEU A 293 -5.80 -13.50 -5.72
N GLY A 294 -5.72 -12.42 -4.95
CA GLY A 294 -5.14 -12.44 -3.61
C GLY A 294 -5.94 -13.29 -2.64
N GLY A 295 -7.26 -13.19 -2.74
CA GLY A 295 -8.17 -13.98 -1.91
C GLY A 295 -8.17 -15.48 -2.19
N SER A 296 -7.77 -15.88 -3.41
CA SER A 296 -7.81 -17.29 -3.82
C SER A 296 -6.49 -18.06 -3.65
N ILE A 297 -5.43 -17.39 -3.22
CA ILE A 297 -4.13 -18.06 -3.04
C ILE A 297 -3.91 -18.49 -1.58
N SER A 298 -3.71 -17.53 -0.69
CA SER A 298 -3.28 -17.81 0.68
C SER A 298 -4.31 -18.52 1.56
N ILE A 299 -5.52 -17.97 1.62
CA ILE A 299 -6.58 -18.52 2.47
C ILE A 299 -6.98 -19.95 2.06
N PRO A 300 -7.37 -20.17 0.77
CA PRO A 300 -7.77 -21.52 0.36
C PRO A 300 -6.68 -22.58 0.57
N ALA A 301 -5.41 -22.22 0.36
CA ALA A 301 -4.31 -23.16 0.57
C ALA A 301 -4.15 -23.52 2.05
N ALA A 302 -4.20 -22.50 2.91
CA ALA A 302 -4.10 -22.70 4.36
C ALA A 302 -5.26 -23.52 4.91
N VAL A 303 -6.47 -23.20 4.45
CA VAL A 303 -7.68 -23.91 4.88
C VAL A 303 -7.64 -25.37 4.41
N ALA A 304 -7.21 -25.59 3.17
CA ALA A 304 -7.10 -26.94 2.61
C ALA A 304 -6.22 -27.84 3.46
N PHE A 305 -5.07 -27.31 3.87
CA PHE A 305 -4.08 -28.10 4.62
C PHE A 305 -4.34 -28.19 6.13
N PHE A 306 -4.96 -27.16 6.70
CA PHE A 306 -5.09 -27.06 8.17
C PHE A 306 -6.53 -26.96 8.67
N GLY A 307 -7.46 -26.62 7.79
CA GLY A 307 -8.84 -26.37 8.19
C GLY A 307 -9.03 -24.89 8.51
N VAL A 308 -10.28 -24.49 8.69
CA VAL A 308 -10.64 -23.08 8.89
C VAL A 308 -10.07 -22.51 10.20
N ALA A 309 -10.37 -23.17 11.32
CA ALA A 309 -9.96 -22.70 12.64
C ALA A 309 -8.45 -22.49 12.76
N ASN A 310 -7.68 -23.42 12.20
CA ASN A 310 -6.22 -23.33 12.21
C ASN A 310 -5.66 -22.25 11.28
N ALA A 311 -6.33 -22.05 10.15
CA ALA A 311 -5.95 -21.01 9.20
C ALA A 311 -6.19 -19.61 9.78
N VAL A 312 -7.32 -19.45 10.47
CA VAL A 312 -7.66 -18.20 11.17
C VAL A 312 -6.62 -17.89 12.25
N ALA A 313 -6.27 -18.90 13.05
CA ALA A 313 -5.25 -18.78 14.08
C ALA A 313 -3.89 -18.38 13.49
N ILE A 314 -3.54 -18.99 12.36
CA ILE A 314 -2.32 -18.65 11.61
C ILE A 314 -2.30 -17.17 11.20
N ALA A 315 -3.41 -16.67 10.66
CA ALA A 315 -3.53 -15.27 10.25
C ALA A 315 -3.42 -14.30 11.44
N LYS A 316 -3.99 -14.69 12.58
CA LYS A 316 -3.96 -13.87 13.79
C LYS A 316 -2.58 -13.84 14.45
N ALA A 317 -1.74 -14.82 14.13
CA ALA A 317 -0.41 -14.96 14.73
C ALA A 317 0.53 -13.80 14.36
N GLY A 318 0.26 -13.12 13.25
CA GLY A 318 1.10 -12.03 12.78
C GLY A 318 0.82 -11.67 11.34
N ALA A 319 1.36 -10.54 10.91
CA ALA A 319 1.10 -10.03 9.56
C ALA A 319 1.77 -10.86 8.46
N PHE A 320 2.87 -11.53 8.79
CA PHE A 320 3.72 -12.16 7.77
C PHE A 320 3.77 -13.69 7.79
N ASN A 321 3.14 -14.30 8.79
CA ASN A 321 3.15 -15.76 8.94
C ASN A 321 2.55 -16.48 7.73
N LEU A 322 1.35 -16.09 7.34
CA LEU A 322 0.64 -16.74 6.24
C LEU A 322 1.42 -16.73 4.92
N GLY A 323 1.98 -15.57 4.57
CA GLY A 323 2.64 -15.39 3.28
C GLY A 323 4.09 -15.82 3.19
N PHE A 324 4.82 -15.67 4.29
CA PHE A 324 6.26 -15.95 4.32
C PHE A 324 6.64 -17.28 4.97
N ILE A 325 5.72 -17.84 5.75
CA ILE A 325 5.99 -19.08 6.49
C ILE A 325 5.06 -20.20 6.07
N THR A 326 3.75 -19.98 6.25
CA THR A 326 2.75 -21.02 6.03
C THR A 326 2.67 -21.45 4.57
N LEU A 327 2.53 -20.50 3.66
CA LEU A 327 2.37 -20.82 2.24
C LEU A 327 3.55 -21.58 1.64
N PRO A 328 4.80 -21.09 1.84
CA PRO A 328 5.94 -21.87 1.35
C PRO A 328 6.06 -23.26 1.98
N ALA A 329 5.68 -23.39 3.25
CA ALA A 329 5.67 -24.68 3.95
C ALA A 329 4.67 -25.65 3.33
N ILE A 330 3.47 -25.15 3.03
CA ILE A 330 2.46 -25.91 2.30
C ILE A 330 2.99 -26.34 0.93
N PHE A 331 3.56 -25.38 0.17
CA PHE A 331 4.10 -25.65 -1.16
C PHE A 331 5.18 -26.72 -1.15
N SER A 332 6.03 -26.73 -0.11
CA SER A 332 7.12 -27.69 0.01
C SER A 332 6.64 -29.15 0.11
N GLN A 333 5.36 -29.33 0.42
CA GLN A 333 4.75 -30.66 0.49
C GLN A 333 4.25 -31.15 -0.87
N THR A 334 4.42 -30.33 -1.89
CA THR A 334 4.02 -30.67 -3.26
C THR A 334 5.23 -30.74 -4.19
N ALA A 335 5.16 -31.61 -5.19
CA ALA A 335 6.21 -31.74 -6.21
C ALA A 335 6.41 -30.41 -6.93
N GLY A 336 7.67 -29.97 -7.02
CA GLY A 336 8.00 -28.67 -7.60
C GLY A 336 7.65 -27.50 -6.70
N GLY A 337 7.40 -27.79 -5.42
CA GLY A 337 6.93 -26.80 -4.46
C GLY A 337 7.89 -25.66 -4.17
N THR A 338 9.18 -25.94 -4.26
CA THR A 338 10.21 -24.92 -4.09
C THR A 338 10.12 -23.87 -5.20
N PHE A 339 10.02 -24.33 -6.46
CA PHE A 339 9.84 -23.45 -7.61
C PHE A 339 8.54 -22.65 -7.50
N LEU A 340 7.50 -23.29 -6.98
CA LEU A 340 6.21 -22.64 -6.74
C LEU A 340 6.33 -21.52 -5.69
N GLY A 341 7.18 -21.76 -4.68
CA GLY A 341 7.54 -20.74 -3.71
C GLY A 341 8.23 -19.56 -4.38
N PHE A 342 9.15 -19.85 -5.30
CA PHE A 342 9.83 -18.82 -6.08
C PHE A 342 8.85 -17.94 -6.86
N LEU A 343 7.90 -18.59 -7.53
CA LEU A 343 6.91 -17.90 -8.34
C LEU A 343 6.02 -17.00 -7.48
N TRP A 344 5.71 -17.48 -6.28
CA TRP A 344 4.94 -16.73 -5.28
C TRP A 344 5.69 -15.48 -4.82
N PHE A 345 6.97 -15.63 -4.50
CA PHE A 345 7.79 -14.51 -4.03
C PHE A 345 8.18 -13.55 -5.15
N PHE A 346 8.36 -14.07 -6.37
CA PHE A 346 8.58 -13.21 -7.52
C PHE A 346 7.33 -12.38 -7.82
N LEU A 347 6.17 -13.02 -7.72
CA LEU A 347 4.88 -12.33 -7.81
C LEU A 347 4.78 -11.20 -6.79
N LEU A 348 5.12 -11.50 -5.54
CA LEU A 348 5.09 -10.50 -4.46
C LEU A 348 6.07 -9.36 -4.74
N PHE A 349 7.26 -9.69 -5.24
CA PHE A 349 8.27 -8.67 -5.56
C PHE A 349 7.81 -7.67 -6.61
N PHE A 350 7.30 -8.18 -7.74
CA PHE A 350 6.75 -7.32 -8.79
C PHE A 350 5.55 -6.51 -8.31
N ALA A 351 4.70 -7.12 -7.50
CA ALA A 351 3.59 -6.42 -6.86
C ALA A 351 4.07 -5.29 -5.96
N GLY A 352 5.08 -5.56 -5.14
CA GLY A 352 5.67 -4.54 -4.28
C GLY A 352 6.37 -3.44 -5.05
N LEU A 353 7.17 -3.83 -6.04
CA LEU A 353 7.98 -2.90 -6.82
C LEU A 353 7.14 -1.84 -7.56
N THR A 354 6.07 -2.26 -8.23
CA THR A 354 5.19 -1.32 -8.92
C THR A 354 4.52 -0.34 -7.95
N SER A 355 4.37 -0.76 -6.68
CA SER A 355 3.80 0.10 -5.64
C SER A 355 4.79 1.02 -4.95
N SER A 356 5.99 0.52 -4.68
CA SER A 356 7.00 1.31 -3.96
C SER A 356 7.49 2.51 -4.77
N ILE A 357 7.59 2.34 -6.09
CA ILE A 357 7.92 3.46 -6.98
C ILE A 357 6.83 4.54 -6.92
N ALA A 358 5.60 4.12 -6.67
CA ALA A 358 4.46 5.03 -6.54
C ALA A 358 4.49 5.87 -5.27
N ILE A 359 5.02 5.32 -4.18
CA ILE A 359 5.09 6.07 -2.91
C ILE A 359 6.41 6.80 -2.69
N MET A 360 7.36 6.61 -3.60
CA MET A 360 8.58 7.41 -3.65
C MET A 360 8.45 8.62 -4.59
N GLN A 361 7.54 8.51 -5.55
CA GLN A 361 7.33 9.56 -6.55
C GLN A 361 6.83 10.91 -6.00
N PRO A 362 5.95 10.90 -4.96
CA PRO A 362 5.54 12.16 -4.35
C PRO A 362 6.70 13.04 -3.87
N MET A 363 7.67 12.45 -3.18
CA MET A 363 8.88 13.17 -2.74
C MET A 363 9.72 13.62 -3.93
N ILE A 364 9.84 12.74 -4.93
CA ILE A 364 10.52 13.07 -6.18
C ILE A 364 9.83 14.27 -6.85
N ALA A 365 8.51 14.22 -6.95
CA ALA A 365 7.74 15.30 -7.57
C ALA A 365 7.90 16.62 -6.82
N PHE A 366 7.88 16.56 -5.49
CA PHE A 366 8.03 17.77 -4.68
C PHE A 366 9.36 18.47 -4.95
N LEU A 367 10.44 17.68 -4.97
CA LEU A 367 11.78 18.20 -5.18
C LEU A 367 11.93 18.78 -6.59
N GLU A 368 11.34 18.10 -7.57
CA GLU A 368 11.29 18.60 -8.95
C GLU A 368 10.44 19.85 -9.08
N ASP A 369 9.16 19.74 -8.69
CA ASP A 369 8.18 20.81 -8.87
C ASP A 369 8.51 22.07 -8.08
N GLU A 370 8.87 21.91 -6.81
CA GLU A 370 8.90 23.02 -5.86
C GLU A 370 10.31 23.51 -5.52
N LEU A 371 11.28 22.61 -5.48
CA LEU A 371 12.67 22.98 -5.23
C LEU A 371 13.51 22.95 -6.52
N LYS A 372 12.85 22.64 -7.63
CA LYS A 372 13.45 22.71 -8.97
C LYS A 372 14.70 21.84 -9.15
N LEU A 373 14.73 20.70 -8.47
CA LEU A 373 15.79 19.71 -8.66
C LEU A 373 15.57 18.94 -9.96
N SER A 374 16.67 18.47 -10.55
CA SER A 374 16.60 17.60 -11.71
C SER A 374 16.02 16.26 -11.29
N ARG A 375 15.43 15.52 -12.23
CA ARG A 375 14.92 14.18 -11.93
C ARG A 375 15.99 13.34 -11.25
N LYS A 376 17.20 13.34 -11.82
CA LYS A 376 18.32 12.58 -11.28
C LYS A 376 18.57 12.86 -9.80
N HIS A 377 18.71 14.14 -9.45
CA HIS A 377 18.97 14.54 -8.07
C HIS A 377 17.76 14.30 -7.15
N ALA A 378 16.56 14.53 -7.66
CA ALA A 378 15.34 14.30 -6.89
C ALA A 378 15.18 12.81 -6.55
N VAL A 379 15.45 11.95 -7.53
CA VAL A 379 15.37 10.50 -7.33
C VAL A 379 16.44 10.01 -6.35
N LEU A 380 17.68 10.44 -6.55
CA LEU A 380 18.81 9.98 -5.73
C LEU A 380 18.70 10.43 -4.27
N TRP A 381 18.24 11.66 -4.06
CA TRP A 381 18.03 12.18 -2.70
C TRP A 381 16.86 11.52 -1.98
N THR A 382 15.79 11.22 -2.72
CA THR A 382 14.64 10.51 -2.16
C THR A 382 15.04 9.12 -1.70
N ALA A 383 15.82 8.43 -2.54
CA ALA A 383 16.32 7.09 -2.22
C ALA A 383 17.29 7.11 -1.04
N ALA A 384 18.10 8.16 -0.94
CA ALA A 384 19.04 8.33 0.17
C ALA A 384 18.30 8.51 1.49
N ILE A 385 17.20 9.25 1.47
CA ILE A 385 16.36 9.46 2.65
C ILE A 385 15.66 8.17 3.06
N VAL A 386 15.07 7.48 2.09
CA VAL A 386 14.39 6.21 2.35
C VAL A 386 15.38 5.16 2.85
N PHE A 387 16.52 5.04 2.17
CA PHE A 387 17.56 4.07 2.54
C PHE A 387 18.10 4.28 3.96
N PHE A 388 18.52 5.51 4.26
CA PHE A 388 19.00 5.83 5.59
C PHE A 388 17.95 5.51 6.65
N SER A 389 16.74 6.02 6.45
CA SER A 389 15.65 5.89 7.43
C SER A 389 15.21 4.46 7.70
N ALA A 390 15.31 3.60 6.67
CA ALA A 390 14.91 2.19 6.78
C ALA A 390 15.76 1.39 7.78
N HIS A 391 16.94 1.90 8.10
CA HIS A 391 17.81 1.29 9.12
C HIS A 391 17.13 1.19 10.48
N LEU A 392 16.17 2.08 10.72
CA LEU A 392 15.36 2.03 11.93
C LEU A 392 14.41 0.82 11.90
N VAL A 393 13.76 0.63 10.75
CA VAL A 393 12.86 -0.50 10.52
C VAL A 393 13.62 -1.84 10.52
N MET A 394 14.84 -1.81 9.98
CA MET A 394 15.68 -3.00 9.87
C MET A 394 16.27 -3.47 11.20
N PHE A 395 16.55 -2.54 12.12
CA PHE A 395 17.30 -2.86 13.34
C PHE A 395 16.55 -2.73 14.67
N LEU A 396 15.42 -2.02 14.66
CA LEU A 396 14.62 -1.85 15.87
C LEU A 396 13.32 -2.61 15.77
N ASN A 397 13.15 -3.59 16.68
CA ASN A 397 11.95 -4.42 16.71
C ASN A 397 10.69 -3.59 16.94
N LYS A 398 9.68 -3.83 16.09
CA LYS A 398 8.37 -3.16 16.15
C LYS A 398 8.36 -1.69 15.69
N SER A 399 9.48 -1.22 15.13
CA SER A 399 9.51 0.09 14.49
C SER A 399 8.62 0.08 13.24
N LEU A 400 8.67 -1.03 12.49
CA LEU A 400 7.79 -1.21 11.33
C LEU A 400 6.32 -1.06 11.75
N ASP A 401 5.96 -1.68 12.86
CA ASP A 401 4.58 -1.64 13.39
C ASP A 401 4.12 -0.22 13.68
N GLU A 402 5.01 0.57 14.31
CA GLU A 402 4.69 1.94 14.70
C GLU A 402 4.49 2.86 13.50
N MET A 403 5.39 2.77 12.53
CA MET A 403 5.26 3.55 11.29
C MET A 403 3.98 3.22 10.54
N ASP A 404 3.68 1.92 10.42
CA ASP A 404 2.48 1.47 9.73
C ASP A 404 1.21 1.93 10.43
N PHE A 405 1.26 1.98 11.76
CA PHE A 405 0.12 2.49 12.54
C PHE A 405 -0.15 3.97 12.25
N TRP A 406 0.87 4.82 12.40
CA TRP A 406 0.70 6.27 12.25
C TRP A 406 0.48 6.72 10.80
N ALA A 407 1.34 6.26 9.90
CA ALA A 407 1.27 6.67 8.51
C ALA A 407 0.32 5.81 7.67
N GLY A 408 0.51 4.49 7.73
CA GLY A 408 -0.21 3.56 6.85
C GLY A 408 -1.61 3.16 7.29
N THR A 409 -2.03 3.62 8.47
CA THR A 409 -3.32 3.25 9.02
C THR A 409 -4.13 4.50 9.41
N ILE A 410 -3.74 5.16 10.49
CA ILE A 410 -4.39 6.39 10.95
C ILE A 410 -4.19 7.53 9.96
N GLY A 411 -2.94 7.71 9.52
CA GLY A 411 -2.56 8.79 8.62
C GLY A 411 -3.39 8.88 7.36
N VAL A 412 -3.60 7.75 6.69
CA VAL A 412 -4.31 7.72 5.40
C VAL A 412 -5.80 8.05 5.51
N VAL A 413 -6.44 7.60 6.60
CA VAL A 413 -7.87 7.85 6.81
C VAL A 413 -8.10 9.32 7.14
N PHE A 414 -7.29 9.84 8.05
CA PHE A 414 -7.26 11.28 8.35
C PHE A 414 -7.00 12.10 7.09
N PHE A 415 -6.01 11.71 6.30
CA PHE A 415 -5.64 12.47 5.10
C PHE A 415 -6.70 12.38 4.00
N GLY A 416 -7.39 11.24 3.94
CA GLY A 416 -8.52 11.06 3.03
C GLY A 416 -9.68 11.99 3.37
N LEU A 417 -9.99 12.07 4.66
CA LEU A 417 -11.03 12.99 5.14
C LEU A 417 -10.61 14.44 4.91
N THR A 418 -9.35 14.75 5.18
CA THR A 418 -8.78 16.08 5.00
C THR A 418 -8.81 16.54 3.54
N GLU A 419 -8.37 15.68 2.62
CA GLU A 419 -8.32 16.03 1.20
C GLU A 419 -9.74 16.22 0.64
N LEU A 420 -10.70 15.46 1.16
CA LEU A 420 -12.09 15.58 0.72
C LEU A 420 -12.69 16.92 1.16
N ILE A 421 -12.50 17.28 2.42
CA ILE A 421 -13.01 18.54 2.97
C ILE A 421 -12.44 19.74 2.22
N ILE A 422 -11.14 19.71 1.97
CA ILE A 422 -10.47 20.79 1.24
C ILE A 422 -10.97 20.92 -0.20
N PHE A 423 -11.18 19.79 -0.87
CA PHE A 423 -11.61 19.79 -2.27
C PHE A 423 -13.12 19.96 -2.43
N PHE A 424 -13.89 19.20 -1.66
CA PHE A 424 -15.34 19.13 -1.86
C PHE A 424 -16.16 20.06 -0.95
N TRP A 425 -15.52 20.68 0.03
CA TRP A 425 -16.20 21.62 0.93
C TRP A 425 -15.66 23.04 0.77
N ILE A 426 -14.36 23.21 0.99
CA ILE A 426 -13.73 24.54 0.98
C ILE A 426 -13.57 25.10 -0.44
N PHE A 427 -12.93 24.32 -1.31
CA PHE A 427 -12.78 24.69 -2.72
C PHE A 427 -14.14 24.88 -3.40
N GLY A 428 -15.12 24.08 -2.97
CA GLY A 428 -16.48 24.17 -3.49
C GLY A 428 -16.91 22.85 -4.09
N ALA A 429 -18.06 22.34 -3.62
CA ALA A 429 -18.59 21.06 -4.07
C ALA A 429 -18.87 21.03 -5.58
N ASP A 430 -19.50 22.08 -6.08
CA ASP A 430 -19.86 22.17 -7.50
C ASP A 430 -18.64 22.41 -8.39
N LYS A 431 -17.66 23.13 -7.86
CA LYS A 431 -16.38 23.33 -8.55
C LYS A 431 -15.59 22.02 -8.60
N ALA A 432 -15.61 21.28 -7.49
CA ALA A 432 -14.98 19.96 -7.41
C ALA A 432 -15.65 18.96 -8.34
N TRP A 433 -16.98 18.93 -8.31
CA TRP A 433 -17.78 18.05 -9.17
C TRP A 433 -17.54 18.33 -10.66
N GLU A 434 -17.46 19.61 -11.00
CA GLU A 434 -17.15 20.04 -12.37
C GLU A 434 -15.75 19.57 -12.78
N GLU A 435 -14.78 19.72 -11.88
CA GLU A 435 -13.39 19.34 -12.15
C GLU A 435 -13.22 17.84 -12.38
N ILE A 436 -13.90 17.03 -11.56
CA ILE A 436 -13.86 15.57 -11.69
C ILE A 436 -14.38 15.14 -13.06
N ASN A 437 -15.56 15.63 -13.44
CA ASN A 437 -16.25 15.22 -14.65
C ASN A 437 -15.69 15.79 -15.96
N ARG A 438 -14.93 16.87 -15.85
CA ARG A 438 -14.35 17.54 -17.01
C ARG A 438 -13.42 16.61 -17.80
N GLY A 439 -13.74 16.43 -19.08
CA GLY A 439 -12.95 15.56 -19.97
C GLY A 439 -13.27 14.09 -19.84
N GLY A 440 -14.27 13.78 -19.02
CA GLY A 440 -14.65 12.39 -18.76
C GLY A 440 -15.30 11.69 -19.93
N ILE A 441 -14.80 10.49 -20.24
CA ILE A 441 -15.40 9.62 -21.25
C ILE A 441 -16.80 9.22 -20.79
N ILE A 442 -16.91 8.85 -19.52
CA ILE A 442 -18.21 8.68 -18.86
C ILE A 442 -18.35 9.73 -17.76
N LYS A 443 -19.58 9.97 -17.34
CA LYS A 443 -19.85 10.87 -16.23
C LYS A 443 -20.00 10.09 -14.93
N VAL A 444 -19.66 10.73 -13.82
CA VAL A 444 -19.87 10.14 -12.49
C VAL A 444 -21.36 10.15 -12.20
N PRO A 445 -21.93 8.98 -11.85
CA PRO A 445 -23.34 8.89 -11.47
C PRO A 445 -23.73 9.99 -10.49
N ARG A 446 -24.89 10.60 -10.74
CA ARG A 446 -25.37 11.75 -9.96
C ARG A 446 -25.36 11.52 -8.44
N ILE A 447 -25.74 10.31 -8.02
CA ILE A 447 -25.81 9.96 -6.61
C ILE A 447 -24.49 10.19 -5.87
N TYR A 448 -23.37 9.97 -6.57
CA TYR A 448 -22.04 10.14 -5.97
C TYR A 448 -21.69 11.58 -5.58
N TYR A 449 -22.39 12.56 -6.13
CA TYR A 449 -22.23 13.94 -5.67
C TYR A 449 -22.60 14.04 -4.20
N TYR A 450 -23.73 13.43 -3.83
CA TYR A 450 -24.22 13.45 -2.47
C TYR A 450 -23.43 12.50 -1.56
N VAL A 451 -22.93 11.41 -2.12
CA VAL A 451 -22.02 10.52 -1.41
C VAL A 451 -20.73 11.27 -1.03
N MET A 452 -20.10 11.91 -2.02
CA MET A 452 -18.86 12.67 -1.81
C MET A 452 -19.02 13.84 -0.85
N ARG A 453 -20.12 14.59 -0.99
CA ARG A 453 -20.33 15.80 -0.18
C ARG A 453 -20.75 15.51 1.27
N TYR A 454 -21.58 14.48 1.45
CA TYR A 454 -22.20 14.21 2.76
C TYR A 454 -21.84 12.85 3.37
N ILE A 455 -22.01 11.78 2.61
CA ILE A 455 -21.89 10.41 3.14
C ILE A 455 -20.45 10.02 3.49
N THR A 456 -19.54 10.18 2.53
CA THR A 456 -18.13 9.83 2.71
C THR A 456 -17.47 10.55 3.91
N PRO A 457 -17.59 11.91 3.99
CA PRO A 457 -16.98 12.58 5.14
C PRO A 457 -17.61 12.20 6.49
N ALA A 458 -18.92 11.98 6.53
CA ALA A 458 -19.60 11.53 7.74
C ALA A 458 -19.17 10.12 8.14
N PHE A 459 -19.07 9.24 7.15
CA PHE A 459 -18.61 7.87 7.31
C PHE A 459 -17.21 7.80 7.94
N LEU A 460 -16.29 8.61 7.41
CA LEU A 460 -14.91 8.64 7.88
C LEU A 460 -14.76 9.31 9.25
N ALA A 461 -15.56 10.35 9.50
CA ALA A 461 -15.53 11.07 10.77
C ALA A 461 -16.01 10.18 11.92
N VAL A 462 -17.11 9.47 11.72
CA VAL A 462 -17.63 8.53 12.72
C VAL A 462 -16.61 7.41 12.99
N LEU A 463 -15.98 6.92 11.92
CA LEU A 463 -14.96 5.88 12.01
C LEU A 463 -13.76 6.32 12.84
N LEU A 464 -13.28 7.54 12.57
CA LEU A 464 -12.12 8.09 13.28
C LEU A 464 -12.38 8.37 14.76
N VAL A 465 -13.61 8.75 15.09
CA VAL A 465 -14.00 9.00 16.47
C VAL A 465 -14.02 7.71 17.29
N VAL A 466 -14.69 6.69 16.76
CA VAL A 466 -14.76 5.36 17.38
C VAL A 466 -13.37 4.73 17.47
N TRP A 467 -12.57 4.95 16.43
CA TRP A 467 -11.18 4.49 16.37
C TRP A 467 -10.36 5.06 17.52
N ALA A 468 -10.39 6.38 17.66
CA ALA A 468 -9.55 7.10 18.62
C ALA A 468 -9.95 6.91 20.08
N ARG A 469 -11.22 6.64 20.32
CA ARG A 469 -11.75 6.54 21.68
C ARG A 469 -11.78 5.11 22.21
N GLU A 470 -12.14 4.16 21.36
CA GLU A 470 -12.42 2.79 21.79
C GLU A 470 -11.36 1.75 21.40
N TYR A 471 -10.27 2.20 20.78
CA TYR A 471 -9.26 1.26 20.28
C TYR A 471 -7.80 1.67 20.51
N ILE A 472 -7.46 2.92 20.20
CA ILE A 472 -6.05 3.35 20.21
C ILE A 472 -5.44 3.80 21.55
N PRO A 473 -6.28 4.17 22.56
CA PRO A 473 -5.67 4.41 23.88
C PRO A 473 -5.06 3.15 24.48
N LYS A 474 -5.54 1.99 24.04
CA LYS A 474 -5.01 0.68 24.46
C LYS A 474 -3.60 0.44 23.92
N ILE A 475 -3.22 1.20 22.90
CA ILE A 475 -1.90 1.09 22.27
C ILE A 475 -0.93 2.14 22.83
N MET A 476 -1.37 3.40 22.83
CA MET A 476 -0.54 4.54 23.27
C MET A 476 0.03 4.42 24.69
N GLU A 477 -0.50 3.47 25.46
CA GLU A 477 -0.09 3.25 26.85
C GLU A 477 0.54 1.87 27.05
N GLU A 478 0.00 0.86 26.37
CA GLU A 478 0.42 -0.54 26.57
C GLU A 478 1.49 -1.02 25.59
N THR A 479 2.39 -0.12 25.17
CA THR A 479 3.50 -0.50 24.29
C THR A 479 4.87 -0.34 24.97
N HIS A 480 5.90 -0.95 24.38
CA HIS A 480 7.28 -0.85 24.86
C HIS A 480 7.79 0.59 24.66
N TRP A 481 8.69 1.02 25.54
CA TRP A 481 9.19 2.40 25.52
C TRP A 481 9.89 2.78 24.21
N THR A 482 10.42 1.78 23.51
CA THR A 482 11.14 1.99 22.25
C THR A 482 10.27 2.56 21.12
N VAL A 483 8.94 2.52 21.28
CA VAL A 483 8.04 3.15 20.30
C VAL A 483 8.33 4.64 20.14
N TRP A 484 8.81 5.27 21.23
CA TRP A 484 9.15 6.69 21.22
C TRP A 484 10.35 7.02 20.32
N ILE A 485 11.23 6.04 20.11
CA ILE A 485 12.32 6.20 19.14
C ILE A 485 11.77 6.40 17.73
N THR A 486 10.78 5.61 17.36
CA THR A 486 10.17 5.69 16.04
C THR A 486 9.31 6.94 15.89
N ARG A 487 8.48 7.21 16.91
CA ARG A 487 7.68 8.42 16.98
C ARG A 487 8.55 9.67 16.85
N PHE A 488 9.60 9.75 17.66
CA PHE A 488 10.57 10.85 17.61
C PHE A 488 11.16 11.03 16.20
N TYR A 489 11.59 9.94 15.58
CA TYR A 489 12.21 10.03 14.26
C TYR A 489 11.23 10.46 13.16
N ILE A 490 10.02 9.91 13.17
CA ILE A 490 9.04 10.24 12.13
C ILE A 490 8.40 11.62 12.35
N ILE A 491 8.35 12.09 13.58
CA ILE A 491 7.98 13.49 13.86
C ILE A 491 9.07 14.41 13.28
N GLY A 492 10.33 14.04 13.48
CA GLY A 492 11.48 14.72 12.87
C GLY A 492 11.40 14.83 11.36
N LEU A 493 11.03 13.73 10.70
CA LEU A 493 10.81 13.73 9.25
C LEU A 493 9.71 14.70 8.83
N PHE A 494 8.62 14.77 9.60
CA PHE A 494 7.55 15.71 9.32
C PHE A 494 8.04 17.16 9.39
N LEU A 495 8.86 17.46 10.40
CA LEU A 495 9.40 18.81 10.60
C LEU A 495 10.44 19.14 9.52
N PHE A 496 11.20 18.13 9.12
CA PHE A 496 12.13 18.24 7.99
C PHE A 496 11.38 18.63 6.71
N LEU A 497 10.27 17.93 6.44
CA LEU A 497 9.48 18.19 5.23
C LEU A 497 8.76 19.54 5.29
N THR A 498 8.32 19.93 6.49
CA THR A 498 7.75 21.25 6.72
C THR A 498 8.77 22.35 6.41
N PHE A 499 10.03 22.12 6.79
CA PHE A 499 11.12 23.05 6.50
C PHE A 499 11.38 23.20 5.00
N LEU A 500 11.27 22.08 4.26
CA LEU A 500 11.43 22.10 2.81
C LEU A 500 10.30 22.86 2.12
N VAL A 501 9.08 22.71 2.64
CA VAL A 501 7.93 23.47 2.16
C VAL A 501 8.15 24.97 2.40
N PHE A 502 8.69 25.31 3.57
CA PHE A 502 9.12 26.67 3.88
C PHE A 502 10.15 27.20 2.87
N LEU A 503 11.16 26.39 2.57
CA LEU A 503 12.22 26.79 1.64
C LEU A 503 11.69 26.96 0.21
N ALA A 504 10.69 26.16 -0.15
CA ALA A 504 10.07 26.20 -1.48
C ALA A 504 9.24 27.46 -1.71
N GLU A 505 8.56 27.93 -0.67
CA GLU A 505 7.77 29.15 -0.76
C GLU A 505 8.66 30.41 -0.69
N ARG A 506 9.84 30.27 -0.09
CA ARG A 506 10.82 31.37 -0.06
C ARG A 506 11.57 31.48 -1.38
N ARG A 507 11.79 30.33 -2.02
CA ARG A 507 12.40 30.28 -3.35
C ARG A 507 11.45 30.88 -4.39
N ARG A 508 10.15 30.68 -4.18
CA ARG A 508 9.11 31.25 -5.02
C ARG A 508 9.14 32.78 -4.96
N ASN A 509 9.29 33.31 -3.75
CA ASN A 509 9.35 34.76 -3.52
C ASN A 509 10.55 35.42 -4.19
N HIS A 510 11.71 34.75 -4.14
CA HIS A 510 12.92 35.22 -4.78
C HIS A 510 12.77 35.24 -6.31
N GLU A 511 12.14 34.21 -6.84
CA GLU A 511 11.92 34.08 -8.28
C GLU A 511 10.83 35.03 -8.77
N SER A 512 9.79 35.24 -7.95
CA SER A 512 8.71 36.17 -8.26
C SER A 512 9.18 37.63 -8.24
N ALA A 513 10.20 37.90 -7.42
CA ALA A 513 10.82 39.23 -7.37
C ALA A 513 11.69 39.50 -8.60
N GLY A 514 12.34 38.44 -9.10
CA GLY A 514 13.18 38.53 -10.29
C GLY A 514 12.39 38.54 -11.58
N THR A 515 11.38 37.68 -11.67
CA THR A 515 10.54 37.58 -12.87
C THR A 515 9.36 38.53 -12.80
N LEU B . -1.80 0.01 -2.69
CA LEU B . -0.51 -0.61 -2.27
C LEU B . -0.71 -2.08 -1.90
O LEU B . 0.22 -2.81 -1.56
CB LEU B . 0.11 0.14 -1.08
CG LEU B . 0.40 1.64 -1.20
CD1 LEU B . 1.13 2.12 0.05
CD2 LEU B . 1.23 1.97 -2.44
OXT LEU B . -1.85 -2.55 -1.94
NA NA C . 2.15 -2.76 -7.21
NA NA D . -3.74 -2.97 -3.68
CL19 SRE E . 2.81 -3.94 3.19
C16 SRE E . 2.05 -4.22 4.79
C15 SRE E . 1.56 -5.48 5.05
CL20 SRE E . 1.72 -6.71 3.77
C17 SRE E . 1.96 -3.22 5.76
C18 SRE E . 1.36 -3.51 6.98
C13 SRE E . 0.86 -4.79 7.24
C14 SRE E . 0.96 -5.79 6.27
C4 SRE E . 0.20 -5.14 8.53
C5 SRE E . 1.12 -5.03 9.71
C6 SRE E . 2.45 -5.46 9.57
C7 SRE E . 3.34 -5.40 10.64
C8 SRE E . 2.91 -4.90 11.87
C9 SRE E . 1.59 -4.48 12.02
C10 SRE E . 0.69 -4.55 10.96
C1 SRE E . -0.70 -4.07 11.20
N11 SRE E . -0.74 -2.62 11.28
C12 SRE E . -1.97 -1.92 11.61
C2 SRE E . -1.65 -4.58 10.10
C3 SRE E . -1.07 -4.31 8.73
#